data_7OXJ
#
_entry.id   7OXJ
#
_cell.length_a   49.282
_cell.length_b   49.282
_cell.length_c   130.700
_cell.angle_alpha   90.000
_cell.angle_beta   90.000
_cell.angle_gamma   120.000
#
_symmetry.space_group_name_H-M   'P 31 2 1'
#
loop_
_entity.id
_entity.type
_entity.pdbx_description
1 polymer 'Peptidyl-prolyl cis-trans isomerase'
2 polymer '30S ribosomal protein S2'
3 polymer 'Fragment of 30S ribosomal protein S2 peptide'
4 non-polymer 'NICKEL (II) ION'
5 non-polymer 'TRIETHYLENE GLYCOL'
6 non-polymer 'TETRAETHYLENE GLYCOL'
7 non-polymer 'MAGNESIUM ION'
8 non-polymer 'CHLORIDE ION'
9 water water
#
loop_
_entity_poly.entity_id
_entity_poly.type
_entity_poly.pdbx_seq_one_letter_code
_entity_poly.pdbx_strand_id
1 'polypeptide(L)'
;MKVGQDKVVTIRYTLQVEGEVLDQGELSYLHGHRNLIPGLEEALEGREEGEAFQAHVPAEKAYGPHDPEGVQVVPLSAFP
EDAEVVPGAQFYAQDMEGNPMPLTVVAVEGEEVTVDFNHPLAGKDLDFQVEVVKVREATPEELLHGHAHPSGHHHHHH
;
A
2 'polypeptide(L)' TRYWNAKALPFAFGA D
3 'polypeptide(L)' (UNK)(UNK) E
#
# COMPACT_ATOMS: atom_id res chain seq x y z
N MET A 1 -19.82 -14.43 9.92
CA MET A 1 -18.70 -14.57 10.86
C MET A 1 -18.04 -13.20 10.97
N LYS A 2 -17.47 -12.85 12.13
CA LYS A 2 -16.94 -11.50 12.30
C LYS A 2 -15.42 -11.47 12.06
N VAL A 3 -14.96 -10.34 11.51
CA VAL A 3 -13.54 -10.07 11.38
C VAL A 3 -12.89 -10.11 12.75
N GLY A 4 -11.78 -10.84 12.86
CA GLY A 4 -11.04 -10.94 14.10
C GLY A 4 -9.70 -11.60 13.85
N GLN A 5 -8.91 -11.68 14.93
CA GLN A 5 -7.57 -12.25 14.85
C GLN A 5 -7.60 -13.62 14.17
N ASP A 6 -6.66 -13.83 13.25
CA ASP A 6 -6.45 -15.11 12.59
C ASP A 6 -7.59 -15.51 11.65
N LYS A 7 -8.42 -14.57 11.22
CA LYS A 7 -9.40 -14.80 10.16
C LYS A 7 -8.84 -14.36 8.81
N VAL A 8 -9.20 -15.08 7.75
CA VAL A 8 -8.90 -14.60 6.41
C VAL A 8 -10.12 -13.84 5.94
N VAL A 9 -9.91 -12.55 5.64
CA VAL A 9 -10.96 -11.58 5.40
C VAL A 9 -10.84 -11.12 3.96
N THR A 10 -11.94 -11.13 3.24
CA THR A 10 -12.00 -10.63 1.87
C THR A 10 -12.81 -9.34 1.87
N ILE A 11 -12.25 -8.28 1.31
CA ILE A 11 -12.94 -6.99 1.28
C ILE A 11 -12.95 -6.46 -0.14
N ARG A 12 -13.99 -5.68 -0.46
CA ARG A 12 -14.02 -4.84 -1.65
C ARG A 12 -13.87 -3.41 -1.17
N TYR A 13 -13.09 -2.60 -1.89
CA TYR A 13 -12.86 -1.27 -1.37
C TYR A 13 -12.76 -0.26 -2.50
N THR A 14 -13.03 1.00 -2.14
CA THR A 14 -12.67 2.15 -2.94
C THR A 14 -11.80 3.05 -2.08
N LEU A 15 -10.72 3.57 -2.67
CA LEU A 15 -9.78 4.45 -1.99
C LEU A 15 -9.82 5.80 -2.70
N GLN A 16 -10.14 6.84 -1.91
CA GLN A 16 -10.12 8.23 -2.34
C GLN A 16 -9.11 9.02 -1.51
N VAL A 17 -8.41 9.93 -2.17
CA VAL A 17 -7.54 10.87 -1.48
C VAL A 17 -7.87 12.27 -1.95
N GLU A 18 -8.19 13.15 -0.99
CA GLU A 18 -8.48 14.53 -1.30
C GLU A 18 -9.58 14.61 -2.35
N GLY A 19 -10.55 13.70 -2.23
CA GLY A 19 -11.72 13.71 -3.08
C GLY A 19 -11.54 13.14 -4.46
N GLU A 20 -10.42 12.48 -4.75
CA GLU A 20 -10.20 11.85 -6.04
C GLU A 20 -10.00 10.35 -5.83
N VAL A 21 -10.83 9.55 -6.50
CA VAL A 21 -10.72 8.10 -6.41
C VAL A 21 -9.39 7.68 -6.98
N LEU A 22 -8.54 7.10 -6.13
CA LEU A 22 -7.25 6.66 -6.61
C LEU A 22 -7.24 5.17 -6.93
N ASP A 23 -8.11 4.39 -6.28
CA ASP A 23 -8.01 2.96 -6.49
C ASP A 23 -9.35 2.31 -6.13
N GLN A 24 -9.64 1.18 -6.76
CA GLN A 24 -10.76 0.32 -6.39
C GLN A 24 -10.29 -1.12 -6.51
N GLY A 25 -10.85 -2.02 -5.70
CA GLY A 25 -10.45 -3.39 -5.92
C GLY A 25 -11.00 -4.33 -4.87
N GLU A 26 -10.46 -5.53 -4.89
CA GLU A 26 -10.89 -6.56 -3.96
C GLU A 26 -9.64 -7.30 -3.53
N LEU A 27 -9.54 -7.60 -2.23
CA LEU A 27 -8.36 -8.32 -1.76
C LEU A 27 -8.73 -9.21 -0.59
N SER A 28 -7.92 -10.27 -0.38
CA SER A 28 -8.03 -11.06 0.84
C SER A 28 -6.75 -10.93 1.66
N TYR A 29 -6.91 -10.93 2.98
CA TYR A 29 -5.76 -10.74 3.87
C TYR A 29 -5.98 -11.52 5.17
N LEU A 30 -4.88 -11.90 5.81
CA LEU A 30 -4.96 -12.55 7.10
C LEU A 30 -4.97 -11.48 8.18
N HIS A 31 -6.07 -11.40 8.94
CA HIS A 31 -6.26 -10.33 9.92
C HIS A 31 -5.47 -10.60 11.19
N GLY A 32 -4.81 -9.56 11.71
CA GLY A 32 -4.03 -9.68 12.93
C GLY A 32 -2.56 -9.95 12.74
N HIS A 33 -2.05 -9.85 11.53
CA HIS A 33 -0.66 -10.20 11.25
C HIS A 33 0.05 -9.07 10.52
N ARG A 34 -0.40 -7.83 10.74
CA ARG A 34 0.12 -6.60 10.12
C ARG A 34 0.22 -6.70 8.60
N ASN A 35 -0.77 -7.34 7.99
CA ASN A 35 -0.83 -7.44 6.55
C ASN A 35 -1.49 -6.23 5.91
N LEU A 36 -2.35 -5.52 6.64
CA LEU A 36 -3.05 -4.35 6.14
C LEU A 36 -2.63 -3.12 6.92
N ILE A 37 -2.78 -1.94 6.31
CA ILE A 37 -2.45 -0.70 7.02
C ILE A 37 -3.26 -0.67 8.32
N PRO A 38 -2.70 -0.16 9.41
CA PRO A 38 -3.34 -0.40 10.71
C PRO A 38 -4.68 0.28 10.90
N GLY A 39 -4.85 1.52 10.44
CA GLY A 39 -6.16 2.16 10.56
C GLY A 39 -7.27 1.37 9.89
N LEU A 40 -6.97 0.73 8.77
CA LEU A 40 -7.99 -0.05 8.09
C LEU A 40 -8.31 -1.34 8.85
N GLU A 41 -7.28 -2.04 9.32
CA GLU A 41 -7.54 -3.22 10.13
C GLU A 41 -8.34 -2.86 11.37
N GLU A 42 -8.05 -1.71 11.98
CA GLU A 42 -8.81 -1.30 13.15
C GLU A 42 -10.25 -1.02 12.77
N ALA A 43 -10.48 -0.44 11.59
CA ALA A 43 -11.85 -0.17 11.19
C ALA A 43 -12.62 -1.45 10.89
N LEU A 44 -11.92 -2.50 10.44
CA LEU A 44 -12.59 -3.76 10.10
C LEU A 44 -12.84 -4.66 11.32
N GLU A 45 -12.15 -4.41 12.43
CA GLU A 45 -12.21 -5.32 13.57
C GLU A 45 -13.64 -5.51 14.05
N GLY A 46 -14.07 -6.77 14.15
CA GLY A 46 -15.39 -7.08 14.66
C GLY A 46 -16.52 -6.87 13.67
N ARG A 47 -16.25 -6.42 12.46
CA ARG A 47 -17.32 -6.26 11.48
C ARG A 47 -17.81 -7.61 10.99
N GLU A 48 -19.10 -7.65 10.70
CA GLU A 48 -19.77 -8.84 10.23
C GLU A 48 -19.66 -8.94 8.71
N GLU A 49 -19.69 -10.16 8.21
CA GLU A 49 -19.73 -10.33 6.76
C GLU A 49 -20.97 -9.63 6.25
N GLY A 50 -20.83 -8.94 5.11
CA GLY A 50 -21.93 -8.15 4.57
C GLY A 50 -21.95 -6.70 5.03
N GLU A 51 -21.17 -6.35 6.04
CA GLU A 51 -21.15 -4.96 6.48
C GLU A 51 -20.45 -4.11 5.43
N ALA A 52 -20.96 -2.89 5.22
CA ALA A 52 -20.34 -1.96 4.29
C ALA A 52 -20.32 -0.61 4.97
N PHE A 53 -19.20 0.09 4.89
CA PHE A 53 -19.06 1.32 5.65
C PHE A 53 -18.01 2.21 4.99
N GLN A 54 -17.94 3.45 5.47
CA GLN A 54 -16.90 4.37 5.03
C GLN A 54 -16.02 4.71 6.21
N ALA A 55 -14.72 4.89 5.95
CA ALA A 55 -13.79 5.09 7.06
C ALA A 55 -12.71 6.07 6.62
N HIS A 56 -12.36 7.00 7.50
CA HIS A 56 -11.29 7.95 7.26
C HIS A 56 -10.08 7.44 8.05
N VAL A 57 -8.95 7.27 7.37
CA VAL A 57 -7.74 6.80 8.00
C VAL A 57 -6.63 7.83 7.86
N PRO A 58 -6.25 8.51 8.94
CA PRO A 58 -5.14 9.47 8.86
C PRO A 58 -3.85 8.82 8.38
N ALA A 59 -3.00 9.64 7.75
CA ALA A 59 -1.70 9.17 7.29
C ALA A 59 -0.97 8.39 8.37
N GLU A 60 -1.10 8.83 9.63
CA GLU A 60 -0.35 8.18 10.71
C GLU A 60 -0.76 6.74 10.87
N LYS A 61 -2.00 6.40 10.54
CA LYS A 61 -2.48 5.04 10.67
C LYS A 61 -2.60 4.34 9.33
N ALA A 62 -2.05 4.94 8.28
CA ALA A 62 -2.10 4.37 6.93
C ALA A 62 -0.67 4.08 6.48
N TYR A 63 -0.15 4.83 5.52
CA TYR A 63 1.21 4.59 5.08
C TYR A 63 2.23 5.45 5.80
N GLY A 64 1.84 6.14 6.87
CA GLY A 64 2.78 6.93 7.62
C GLY A 64 2.98 8.32 7.05
N PRO A 65 3.66 9.18 7.82
CA PRO A 65 3.96 10.52 7.33
C PRO A 65 4.97 10.42 6.20
N HIS A 66 5.04 11.46 5.40
CA HIS A 66 6.08 11.51 4.39
C HIS A 66 7.44 11.74 5.07
N ASP A 67 8.41 10.91 4.75
CA ASP A 67 9.72 11.01 5.38
C ASP A 67 10.64 11.86 4.52
N PRO A 68 11.08 13.04 4.99
CA PRO A 68 11.96 13.85 4.17
C PRO A 68 13.22 13.13 3.74
N GLU A 69 13.72 12.20 4.58
CA GLU A 69 14.93 11.46 4.26
C GLU A 69 14.73 10.48 3.15
N GLY A 70 13.49 10.21 2.73
CA GLY A 70 13.27 9.38 1.57
C GLY A 70 13.47 10.10 0.26
N VAL A 71 13.72 11.41 0.30
CA VAL A 71 13.98 12.17 -0.91
C VAL A 71 15.49 12.25 -1.07
N GLN A 72 16.00 11.76 -2.22
CA GLN A 72 17.44 11.73 -2.51
C GLN A 72 17.76 12.54 -3.74
N VAL A 73 19.06 12.87 -3.89
CA VAL A 73 19.55 13.55 -5.09
C VAL A 73 20.59 12.65 -5.74
N VAL A 74 20.31 12.17 -6.96
CA VAL A 74 21.08 11.08 -7.56
C VAL A 74 21.53 11.51 -8.96
N PRO A 75 22.56 10.86 -9.51
CA PRO A 75 23.03 11.26 -10.87
C PRO A 75 22.03 10.92 -11.97
N LEU A 76 21.90 11.85 -12.94
CA LEU A 76 21.08 11.58 -14.13
C LEU A 76 21.62 10.43 -14.96
N SER A 77 22.86 10.00 -14.70
CA SER A 77 23.45 8.91 -15.45
C SER A 77 22.82 7.56 -15.11
N ALA A 78 22.39 7.38 -13.85
CA ALA A 78 21.87 6.08 -13.43
C ALA A 78 20.61 5.68 -14.18
N PHE A 79 20.01 6.62 -14.96
CA PHE A 79 18.79 6.32 -15.70
C PHE A 79 19.12 5.95 -17.14
N PRO A 80 18.30 5.09 -17.78
CA PRO A 80 18.49 4.82 -19.22
C PRO A 80 18.56 6.12 -20.02
N GLU A 81 19.40 6.14 -21.05
CA GLU A 81 19.65 7.42 -21.69
C GLU A 81 18.56 7.81 -22.69
N ASP A 82 17.62 6.91 -22.99
CA ASP A 82 16.41 7.32 -23.70
C ASP A 82 15.19 7.28 -22.80
N ALA A 83 15.40 7.30 -21.49
CA ALA A 83 14.31 7.27 -20.52
C ALA A 83 13.70 8.66 -20.34
N GLU A 84 12.38 8.68 -20.15
CA GLU A 84 11.65 9.91 -19.87
C GLU A 84 11.78 10.18 -18.37
N VAL A 85 12.89 10.82 -18.00
CA VAL A 85 13.14 11.13 -16.59
C VAL A 85 12.44 12.43 -16.25
N VAL A 86 11.19 12.34 -15.80
CA VAL A 86 10.34 13.53 -15.68
C VAL A 86 9.52 13.43 -14.42
N PRO A 87 9.20 14.56 -13.82
CA PRO A 87 8.32 14.58 -12.65
C PRO A 87 7.16 13.63 -12.78
N GLY A 88 7.08 12.70 -11.84
CA GLY A 88 6.01 11.75 -11.76
C GLY A 88 6.33 10.41 -12.37
N ALA A 89 7.35 10.34 -13.22
CA ALA A 89 7.79 9.05 -13.75
C ALA A 89 8.24 8.15 -12.61
N GLN A 90 7.92 6.85 -12.72
CA GLN A 90 8.35 5.88 -11.72
C GLN A 90 9.49 5.04 -12.27
N PHE A 91 10.45 4.74 -11.40
CA PHE A 91 11.54 3.87 -11.80
C PHE A 91 11.79 2.94 -10.62
N TYR A 92 12.59 1.90 -10.84
CA TYR A 92 12.98 0.98 -9.78
C TYR A 92 14.50 0.95 -9.70
N ALA A 93 15.05 1.32 -8.56
CA ALA A 93 16.46 1.08 -8.32
C ALA A 93 16.62 -0.35 -7.81
N GLN A 94 17.85 -0.84 -7.74
CA GLN A 94 18.10 -2.16 -7.17
C GLN A 94 19.26 -2.05 -6.18
N ASP A 95 19.19 -2.75 -5.06
CA ASP A 95 20.26 -2.63 -4.09
C ASP A 95 21.33 -3.70 -4.40
N MET A 96 22.23 -3.99 -3.45
CA MET A 96 23.35 -4.87 -3.78
C MET A 96 22.91 -6.29 -4.06
N GLU A 97 21.80 -6.74 -3.49
CA GLU A 97 21.34 -8.11 -3.75
C GLU A 97 20.19 -8.15 -4.74
N GLY A 98 19.89 -7.04 -5.37
CA GLY A 98 18.91 -7.05 -6.43
C GLY A 98 17.51 -6.64 -6.01
N ASN A 99 17.29 -6.22 -4.77
CA ASN A 99 15.92 -5.91 -4.34
C ASN A 99 15.42 -4.67 -5.10
N PRO A 100 14.29 -4.74 -5.77
CA PRO A 100 13.78 -3.52 -6.42
C PRO A 100 13.26 -2.51 -5.40
N MET A 101 13.64 -1.24 -5.56
CA MET A 101 13.22 -0.15 -4.70
C MET A 101 12.55 0.92 -5.58
N PRO A 102 11.25 1.06 -5.55
CA PRO A 102 10.61 2.04 -6.43
C PRO A 102 10.84 3.47 -5.99
N LEU A 103 10.88 4.34 -6.99
CA LEU A 103 11.09 5.74 -6.75
C LEU A 103 10.23 6.51 -7.74
N THR A 104 9.92 7.74 -7.36
CA THR A 104 9.23 8.70 -8.23
C THR A 104 10.15 9.89 -8.48
N VAL A 105 10.30 10.29 -9.75
CA VAL A 105 11.15 11.43 -10.08
C VAL A 105 10.42 12.70 -9.67
N VAL A 106 11.09 13.56 -8.89
CA VAL A 106 10.54 14.84 -8.40
C VAL A 106 11.00 16.01 -9.25
N ALA A 107 12.29 16.07 -9.55
CA ALA A 107 12.84 17.19 -10.31
C ALA A 107 14.13 16.77 -10.99
N VAL A 108 14.49 17.51 -12.05
CA VAL A 108 15.72 17.25 -12.77
C VAL A 108 16.42 18.55 -13.11
N GLU A 109 17.73 18.60 -12.86
CA GLU A 109 18.52 19.79 -13.13
C GLU A 109 19.97 19.38 -13.32
N GLY A 110 20.58 19.87 -14.41
CA GLY A 110 21.97 19.54 -14.67
C GLY A 110 22.14 18.04 -14.76
N GLU A 111 23.13 17.51 -14.04
CA GLU A 111 23.36 16.07 -13.97
C GLU A 111 22.72 15.42 -12.74
N GLU A 112 21.65 16.01 -12.19
CA GLU A 112 21.08 15.65 -10.91
C GLU A 112 19.57 15.45 -10.99
N VAL A 113 19.10 14.37 -10.36
CA VAL A 113 17.69 14.00 -10.32
C VAL A 113 17.29 13.91 -8.86
N THR A 114 16.27 14.67 -8.48
CA THR A 114 15.65 14.52 -7.18
C THR A 114 14.58 13.45 -7.30
N VAL A 115 14.68 12.42 -6.45
CA VAL A 115 13.82 11.25 -6.51
C VAL A 115 13.23 11.02 -5.13
N ASP A 116 12.07 10.39 -5.08
CA ASP A 116 11.40 10.16 -3.80
C ASP A 116 11.16 8.67 -3.66
N PHE A 117 11.77 8.04 -2.65
CA PHE A 117 11.55 6.65 -2.34
C PHE A 117 10.35 6.41 -1.41
N ASN A 118 9.70 7.47 -0.91
CA ASN A 118 8.51 7.30 -0.07
C ASN A 118 7.42 6.57 -0.83
N HIS A 119 6.61 5.81 -0.10
CA HIS A 119 5.36 5.33 -0.67
C HIS A 119 4.55 6.50 -1.23
N PRO A 120 3.93 6.35 -2.41
CA PRO A 120 3.19 7.48 -2.98
C PRO A 120 2.05 7.98 -2.09
N LEU A 121 1.59 7.17 -1.13
CA LEU A 121 0.53 7.62 -0.25
C LEU A 121 1.06 8.09 1.10
N ALA A 122 2.36 8.06 1.31
CA ALA A 122 2.90 8.57 2.56
C ALA A 122 2.50 10.03 2.76
N GLY A 123 2.10 10.36 3.98
CA GLY A 123 1.66 11.71 4.25
C GLY A 123 0.24 12.05 3.86
N LYS A 124 -0.51 11.11 3.28
CA LYS A 124 -1.86 11.37 2.81
C LYS A 124 -2.87 10.68 3.71
N ASP A 125 -3.96 11.38 4.03
CA ASP A 125 -5.08 10.74 4.71
C ASP A 125 -5.93 10.07 3.66
N LEU A 126 -6.42 8.88 3.97
CA LEU A 126 -7.17 8.06 3.01
C LEU A 126 -8.62 7.91 3.42
N ASP A 127 -9.52 8.07 2.46
CA ASP A 127 -10.94 7.83 2.69
C ASP A 127 -11.30 6.54 1.97
N PHE A 128 -11.78 5.56 2.71
CA PHE A 128 -12.18 4.29 2.15
C PHE A 128 -13.67 4.12 2.18
N GLN A 129 -14.17 3.41 1.18
CA GLN A 129 -15.43 2.66 1.29
C GLN A 129 -15.08 1.20 1.26
N VAL A 130 -15.63 0.41 2.20
CA VAL A 130 -15.19 -0.97 2.39
C VAL A 130 -16.43 -1.84 2.54
N GLU A 131 -16.42 -3.01 1.90
CA GLU A 131 -17.47 -4.01 2.07
C GLU A 131 -16.80 -5.30 2.50
N VAL A 132 -17.30 -5.91 3.57
CA VAL A 132 -16.75 -7.20 4.03
C VAL A 132 -17.41 -8.27 3.18
N VAL A 133 -16.67 -8.87 2.25
CA VAL A 133 -17.24 -9.87 1.34
C VAL A 133 -17.32 -11.26 1.99
N LYS A 134 -16.25 -11.69 2.63
CA LYS A 134 -16.20 -13.02 3.23
C LYS A 134 -15.22 -12.99 4.40
N VAL A 135 -15.50 -13.81 5.43
CA VAL A 135 -14.56 -14.03 6.54
C VAL A 135 -14.54 -15.53 6.77
N ARG A 136 -13.34 -16.10 6.91
CA ARG A 136 -13.26 -17.53 7.24
C ARG A 136 -12.10 -17.76 8.18
N GLU A 137 -12.07 -18.96 8.76
CA GLU A 137 -10.87 -19.25 9.52
C GLU A 137 -9.72 -19.52 8.57
N ALA A 138 -8.51 -19.30 9.05
CA ALA A 138 -7.31 -19.61 8.30
C ALA A 138 -6.96 -21.07 8.47
N THR A 139 -6.28 -21.64 7.47
CA THR A 139 -5.73 -22.98 7.53
C THR A 139 -4.43 -22.96 8.33
N PRO A 140 -4.01 -24.09 8.85
CA PRO A 140 -2.68 -24.14 9.48
C PRO A 140 -1.58 -23.61 8.58
N GLU A 141 -1.58 -23.96 7.29
CA GLU A 141 -0.55 -23.45 6.37
C GLU A 141 -0.56 -21.92 6.35
N GLU A 142 -1.75 -21.31 6.30
CA GLU A 142 -1.85 -19.86 6.25
C GLU A 142 -1.33 -19.24 7.54
N LEU A 143 -1.73 -19.78 8.69
CA LEU A 143 -1.24 -19.26 9.96
C LEU A 143 0.27 -19.42 10.08
N LEU A 144 0.80 -20.52 9.57
CA LEU A 144 2.24 -20.73 9.64
C LEU A 144 2.99 -19.76 8.74
N HIS A 145 2.41 -19.43 7.58
CA HIS A 145 3.09 -18.52 6.68
C HIS A 145 2.80 -17.06 6.98
N GLY A 146 1.76 -16.79 7.78
CA GLY A 146 1.40 -15.43 8.12
C GLY A 146 0.62 -14.69 7.06
N HIS A 147 0.08 -15.37 6.05
CA HIS A 147 -0.62 -14.73 4.93
C HIS A 147 -1.61 -15.71 4.32
N ALA A 148 -2.50 -15.20 3.45
CA ALA A 148 -3.57 -16.01 2.86
C ALA A 148 -3.12 -16.69 1.55
N HIS A 149 -3.81 -17.77 1.17
CA HIS A 149 -3.57 -18.45 -0.12
C HIS A 149 -4.82 -18.45 -0.99
N PRO A 150 -4.89 -17.66 -2.07
CA PRO A 150 -3.96 -16.60 -2.50
C PRO A 150 -4.01 -15.38 -1.59
N SER A 151 -2.99 -14.52 -1.70
CA SER A 151 -2.70 -13.56 -0.65
C SER A 151 -3.21 -12.15 -0.91
N GLY A 152 -3.41 -11.74 -2.17
CA GLY A 152 -3.64 -10.33 -2.40
C GLY A 152 -4.87 -9.94 -3.21
N HIS A 153 -4.65 -9.11 -4.23
CA HIS A 153 -5.74 -8.50 -4.99
C HIS A 153 -6.36 -9.50 -5.97
N HIS A 154 -7.65 -9.77 -5.79
CA HIS A 154 -8.43 -10.37 -6.86
C HIS A 154 -8.50 -9.42 -8.06
N HIS A 155 -9.00 -8.21 -7.82
CA HIS A 155 -9.02 -7.14 -8.81
C HIS A 155 -8.42 -5.88 -8.18
N HIS A 156 -7.77 -5.09 -9.02
CA HIS A 156 -7.18 -3.83 -8.58
C HIS A 156 -7.62 -2.70 -9.48
N ALA B 6 4.31 -0.08 4.49
CA ALA B 6 4.87 0.24 3.18
C ALA B 6 4.42 -0.77 2.14
N LYS B 7 4.80 -2.05 2.33
CA LYS B 7 4.28 -3.09 1.47
C LYS B 7 2.87 -3.52 1.86
N ALA B 8 2.34 -2.99 2.96
CA ALA B 8 1.00 -3.36 3.40
C ALA B 8 -0.04 -2.89 2.38
N LEU B 9 -1.05 -3.73 2.17
CA LEU B 9 -2.11 -3.44 1.23
C LEU B 9 -3.09 -2.44 1.85
N PRO B 10 -3.98 -1.82 1.04
CA PRO B 10 -4.36 -1.98 -0.37
C PRO B 10 -3.27 -1.58 -1.38
N PHE B 11 -2.27 -0.80 -0.95
CA PHE B 11 -1.06 -0.56 -1.74
C PHE B 11 -1.36 0.17 -3.06
N ALA B 12 -2.17 1.22 -2.97
CA ALA B 12 -2.41 2.03 -4.16
C ALA B 12 -1.22 2.96 -4.42
N UNK C 1 11.64 3.88 2.01
CA UNK C 1 11.64 5.33 2.19
C UNK C 1 13.01 5.73 2.71
N UNK C 2 14.04 5.15 2.08
CA UNK C 2 15.42 5.45 2.43
C UNK C 2 16.32 5.19 1.21
#